data_5Z7G
#
_entry.id   5Z7G
#
_cell.length_a   118.487
_cell.length_b   118.487
_cell.length_c   64.344
_cell.angle_alpha   90.00
_cell.angle_beta   90.00
_cell.angle_gamma   120.00
#
_symmetry.space_group_name_H-M   'P 63'
#
loop_
_entity.id
_entity.type
_entity.pdbx_description
1 polymer 'Tax1-binding protein 1'
2 polymer '5-azacytidine-induced protein 2'
3 non-polymer GLYCEROL
4 water water
#
loop_
_entity_poly.entity_id
_entity_poly.type
_entity_poly.pdbx_seq_one_letter_code
_entity_poly.pdbx_strand_id
1 'polypeptide(L)'
;MTSFQEVPLQTSNFAHVIFQNVAKSYLPNAHLECHYTLTPYIHPHPKDWVGIFKVGWSTARDYYTFLWSPMPEHYVEGST
VNCVLAFQGYYLPNDDGEFYQFCYVTHKGEIRGASTPFQFR
;
A,B
2 'polypeptide(L)' ESVASHFALVTAYEDIKKRLKDSEKENSLLKKRIRFLEEKLIA C,D
#
# COMPACT_ATOMS: atom_id res chain seq x y z
N SER A 12 17.05 3.23 -7.83
CA SER A 12 18.47 3.48 -8.09
C SER A 12 18.85 4.92 -7.70
N ASN A 13 18.68 5.83 -8.68
CA ASN A 13 18.72 7.26 -8.42
C ASN A 13 17.76 7.67 -7.31
N PHE A 14 16.78 6.83 -6.99
CA PHE A 14 15.76 7.17 -6.01
C PHE A 14 16.21 7.00 -4.57
N ALA A 15 17.44 6.57 -4.32
CA ALA A 15 17.93 6.31 -2.97
C ALA A 15 19.30 6.97 -2.73
N HIS A 16 19.55 8.13 -3.30
CA HIS A 16 20.77 8.86 -2.99
C HIS A 16 20.69 9.64 -1.69
N VAL A 17 19.49 9.82 -1.14
CA VAL A 17 19.26 10.43 0.15
C VAL A 17 18.54 9.39 1.00
N ILE A 18 19.02 9.18 2.23
CA ILE A 18 18.50 8.12 3.10
C ILE A 18 17.95 8.79 4.33
N PHE A 19 16.66 8.56 4.62
CA PHE A 19 16.04 9.14 5.80
C PHE A 19 16.27 8.18 6.95
N GLN A 20 16.74 8.70 8.08
CA GLN A 20 17.20 7.88 9.18
C GLN A 20 16.16 7.83 10.30
N ASN A 21 15.98 6.64 10.86
CA ASN A 21 15.22 6.43 12.07
C ASN A 21 13.85 7.07 11.98
N VAL A 22 13.17 6.85 10.86
CA VAL A 22 11.82 7.36 10.68
C VAL A 22 10.88 6.45 11.49
N ALA A 23 10.00 7.05 12.28
CA ALA A 23 9.14 6.27 13.15
C ALA A 23 7.91 5.80 12.38
N LYS A 24 7.14 4.90 12.99
CA LYS A 24 5.90 4.43 12.37
C LYS A 24 4.80 5.47 12.44
N SER A 25 4.86 6.37 13.42
CA SER A 25 3.85 7.40 13.62
C SER A 25 4.46 8.52 14.45
N TYR A 26 3.84 9.71 14.36
CA TYR A 26 4.25 10.87 15.12
C TYR A 26 3.01 11.51 15.71
N LEU A 27 3.19 12.19 16.84
CA LEU A 27 2.05 12.80 17.50
C LEU A 27 1.50 13.93 16.64
N PRO A 28 0.18 14.06 16.53
CA PRO A 28 -0.38 15.06 15.61
C PRO A 28 0.05 16.45 16.03
N ASN A 29 0.49 17.24 15.06
CA ASN A 29 0.88 18.64 15.25
C ASN A 29 1.96 18.83 16.32
N ALA A 30 2.86 17.85 16.48
CA ALA A 30 4.03 18.00 17.34
C ALA A 30 5.30 18.26 16.50
N HIS A 31 6.20 19.06 17.05
CA HIS A 31 7.46 19.32 16.35
CA HIS A 31 7.52 19.32 16.45
C HIS A 31 8.16 18.01 16.02
N LEU A 32 8.70 17.95 14.81
CA LEU A 32 9.22 16.73 14.23
C LEU A 32 10.60 17.01 13.67
N GLU A 33 11.61 16.35 14.22
CA GLU A 33 12.95 16.39 13.66
C GLU A 33 13.08 15.35 12.55
N CYS A 34 13.56 15.78 11.40
CA CYS A 34 13.69 14.88 10.25
C CYS A 34 15.19 14.72 9.98
N HIS A 35 15.74 13.53 10.21
CA HIS A 35 17.16 13.29 9.98
C HIS A 35 17.37 12.54 8.68
N TYR A 36 18.40 12.92 7.92
CA TYR A 36 18.67 12.23 6.68
C TYR A 36 20.13 12.38 6.32
N THR A 37 20.57 11.52 5.40
CA THR A 37 21.95 11.41 4.97
C THR A 37 22.06 11.61 3.46
N LEU A 38 22.94 12.53 3.05
CA LEU A 38 23.32 12.65 1.64
C LEU A 38 24.43 11.63 1.35
N THR A 39 24.19 10.67 0.45
CA THR A 39 25.23 9.72 0.04
C THR A 39 26.21 10.40 -0.91
N PRO A 40 27.36 9.77 -1.19
CA PRO A 40 28.31 10.35 -2.18
C PRO A 40 27.74 10.51 -3.57
N TYR A 41 26.54 10.00 -3.84
CA TYR A 41 26.02 10.04 -5.19
C TYR A 41 25.25 11.31 -5.50
N ILE A 42 25.02 12.17 -4.50
CA ILE A 42 24.29 13.41 -4.72
C ILE A 42 25.19 14.58 -4.32
N HIS A 43 25.16 15.61 -5.14
CA HIS A 43 25.79 16.87 -4.79
C HIS A 43 24.68 17.83 -4.39
N PRO A 44 24.51 18.16 -3.10
CA PRO A 44 23.37 18.98 -2.69
C PRO A 44 23.42 20.35 -3.34
N HIS A 45 22.29 21.06 -3.25
CA HIS A 45 22.12 22.35 -3.86
C HIS A 45 21.21 23.17 -2.95
N PRO A 46 21.47 24.48 -2.80
CA PRO A 46 20.63 25.30 -1.89
C PRO A 46 19.15 25.31 -2.25
N LYS A 47 18.77 24.99 -3.48
CA LYS A 47 17.36 24.92 -3.83
C LYS A 47 16.80 23.49 -3.74
N ASP A 48 17.55 22.54 -3.18
CA ASP A 48 16.98 21.25 -2.80
C ASP A 48 16.03 21.45 -1.62
N TRP A 49 15.11 20.50 -1.45
CA TRP A 49 14.16 20.63 -0.36
C TRP A 49 13.60 19.26 0.01
N VAL A 50 13.00 19.20 1.21
CA VAL A 50 12.39 17.98 1.73
C VAL A 50 10.92 18.26 1.94
N GLY A 51 10.07 17.42 1.39
CA GLY A 51 8.66 17.63 1.55
C GLY A 51 8.07 16.50 2.35
N ILE A 52 6.95 16.77 3.00
CA ILE A 52 6.15 15.75 3.64
C ILE A 52 4.97 15.48 2.73
N PHE A 53 4.95 14.30 2.11
CA PHE A 53 4.01 13.96 1.04
C PHE A 53 3.01 12.91 1.52
N LYS A 54 1.75 13.11 1.21
CA LYS A 54 0.78 12.06 1.40
C LYS A 54 1.13 10.90 0.48
N VAL A 55 1.15 9.69 1.04
CA VAL A 55 1.52 8.52 0.25
C VAL A 55 0.62 8.42 -0.96
N GLY A 56 1.22 8.10 -2.12
CA GLY A 56 0.47 8.05 -3.36
C GLY A 56 0.50 9.33 -4.18
N TRP A 57 1.30 10.30 -3.77
CA TRP A 57 1.45 11.54 -4.50
C TRP A 57 1.88 11.28 -5.94
N SER A 58 1.51 12.20 -6.82
CA SER A 58 1.86 12.09 -8.24
C SER A 58 2.98 13.03 -8.65
N THR A 59 3.04 14.25 -8.12
CA THR A 59 4.09 15.18 -8.47
C THR A 59 4.70 15.80 -7.22
N ALA A 60 5.88 16.38 -7.42
CA ALA A 60 6.52 17.18 -6.38
C ALA A 60 5.64 18.31 -5.87
N ARG A 61 4.59 18.67 -6.60
CA ARG A 61 3.67 19.71 -6.16
C ARG A 61 2.70 19.26 -5.08
N ASP A 62 2.55 17.95 -4.86
CA ASP A 62 1.52 17.38 -4.00
C ASP A 62 1.93 17.28 -2.54
N TYR A 63 2.83 18.14 -2.07
CA TYR A 63 3.34 18.00 -0.70
C TYR A 63 2.38 18.63 0.31
N TYR A 64 2.41 18.11 1.54
CA TYR A 64 1.59 18.72 2.59
C TYR A 64 2.28 19.95 3.15
N THR A 65 3.57 19.83 3.49
CA THR A 65 4.40 20.96 3.88
C THR A 65 5.82 20.67 3.38
N PHE A 66 6.68 21.69 3.46
CA PHE A 66 8.07 21.49 3.02
C PHE A 66 8.99 22.43 3.78
N LEU A 67 10.28 22.10 3.74
CA LEU A 67 11.37 22.94 4.17
C LEU A 67 12.51 22.84 3.16
N TRP A 68 13.16 23.97 2.89
CA TRP A 68 14.39 23.95 2.11
C TRP A 68 15.43 23.13 2.84
N SER A 69 16.28 22.46 2.07
CA SER A 69 17.30 21.66 2.72
C SER A 69 18.54 22.52 2.83
N PRO A 70 19.03 22.77 4.05
CA PRO A 70 20.17 23.69 4.21
C PRO A 70 21.44 23.08 3.62
N MET A 71 22.03 23.82 2.70
CA MET A 71 23.29 23.45 2.07
C MET A 71 24.34 23.18 3.14
N PRO A 72 24.95 22.00 3.15
CA PRO A 72 25.99 21.71 4.15
C PRO A 72 27.15 22.70 4.02
N GLU A 73 27.60 23.21 5.16
CA GLU A 73 28.74 24.11 5.09
C GLU A 73 30.03 23.33 4.84
N HIS A 74 30.96 23.96 4.12
CA HIS A 74 32.25 23.35 3.81
C HIS A 74 32.05 22.02 3.07
N TYR A 75 31.06 21.98 2.20
CA TYR A 75 30.70 20.74 1.54
C TYR A 75 31.86 20.23 0.70
N VAL A 76 32.14 18.93 0.79
CA VAL A 76 33.12 18.26 -0.05
C VAL A 76 32.40 17.24 -0.92
N GLU A 77 32.59 17.34 -2.23
CA GLU A 77 31.90 16.46 -3.16
C GLU A 77 32.24 15.00 -2.89
N GLY A 78 31.25 14.13 -3.07
CA GLY A 78 31.51 12.73 -2.84
C GLY A 78 31.56 12.33 -1.38
N SER A 79 31.26 13.23 -0.46
CA SER A 79 31.24 12.85 0.95
C SER A 79 29.84 12.40 1.38
N THR A 80 29.78 11.85 2.57
CA THR A 80 28.55 11.45 3.21
C THR A 80 28.28 12.48 4.30
N VAL A 81 27.08 13.09 4.27
CA VAL A 81 26.76 14.23 5.09
C VAL A 81 25.42 13.98 5.78
N ASN A 82 25.34 14.28 7.07
CA ASN A 82 24.10 14.13 7.83
C ASN A 82 23.39 15.47 7.91
N CYS A 83 22.07 15.44 7.84
CA CYS A 83 21.29 16.66 7.77
C CYS A 83 20.13 16.50 8.76
N VAL A 84 19.64 17.63 9.27
CA VAL A 84 18.46 17.62 10.13
C VAL A 84 17.60 18.82 9.80
N LEU A 85 16.27 18.60 9.80
CA LEU A 85 15.25 19.61 9.58
C LEU A 85 14.23 19.53 10.71
N ALA A 86 13.80 20.67 11.21
CA ALA A 86 12.83 20.73 12.30
C ALA A 86 11.50 21.19 11.73
N PHE A 87 10.63 20.23 11.39
CA PHE A 87 9.29 20.57 10.94
C PHE A 87 8.46 20.98 12.15
N GLN A 88 7.77 22.11 12.04
CA GLN A 88 7.00 22.68 13.13
C GLN A 88 5.60 22.06 13.15
N GLY A 89 5.11 21.79 14.36
CA GLY A 89 3.84 21.12 14.50
C GLY A 89 2.68 21.84 13.82
N TYR A 90 2.74 23.18 13.74
CA TYR A 90 1.58 23.88 13.20
C TYR A 90 1.45 23.75 11.70
N TYR A 91 2.48 23.21 11.03
CA TYR A 91 2.48 22.93 9.60
C TYR A 91 2.42 21.44 9.33
N LEU A 92 2.12 20.62 10.33
CA LEU A 92 2.08 19.18 10.17
C LEU A 92 0.64 18.69 10.15
N PRO A 93 0.39 17.51 9.60
CA PRO A 93 -0.98 16.99 9.58
C PRO A 93 -1.52 16.77 11.00
N ASN A 94 -2.82 16.90 11.13
CA ASN A 94 -3.52 16.42 12.29
C ASN A 94 -3.76 14.92 12.13
N ASP A 95 -4.47 14.35 13.11
CA ASP A 95 -4.83 12.94 13.07
C ASP A 95 -5.93 12.79 12.03
N ASP A 96 -5.52 12.66 10.77
CA ASP A 96 -6.46 12.71 9.65
C ASP A 96 -6.66 11.36 8.98
N GLY A 97 -6.09 10.29 9.54
CA GLY A 97 -6.20 8.96 8.96
C GLY A 97 -5.28 8.69 7.78
N GLU A 98 -4.43 9.64 7.38
CA GLU A 98 -3.57 9.47 6.21
C GLU A 98 -2.17 9.04 6.60
N PHE A 99 -1.46 8.44 5.65
CA PHE A 99 -0.04 8.14 5.78
C PHE A 99 0.78 9.06 4.89
N TYR A 100 1.93 9.45 5.40
CA TYR A 100 2.79 10.45 4.82
C TYR A 100 4.19 9.89 4.74
N GLN A 101 5.05 10.54 3.94
CA GLN A 101 6.45 10.17 3.88
C GLN A 101 7.29 11.42 3.60
N PHE A 102 8.58 11.36 3.97
CA PHE A 102 9.53 12.39 3.56
C PHE A 102 9.99 12.06 2.15
N CYS A 103 10.18 13.10 1.33
CA CYS A 103 10.79 12.96 0.01
C CYS A 103 11.79 14.07 -0.17
N TYR A 104 12.99 13.72 -0.65
CA TYR A 104 14.02 14.72 -0.94
C TYR A 104 13.91 15.05 -2.41
N VAL A 105 13.78 16.35 -2.71
CA VAL A 105 13.62 16.82 -4.08
C VAL A 105 14.74 17.79 -4.40
N THR A 106 15.45 17.53 -5.49
CA THR A 106 16.55 18.41 -5.87
C THR A 106 16.01 19.67 -6.54
N HIS A 107 16.92 20.64 -6.70
CA HIS A 107 16.61 21.87 -7.41
C HIS A 107 16.23 21.62 -8.86
N LYS A 108 16.58 20.47 -9.42
CA LYS A 108 16.16 20.12 -10.78
C LYS A 108 14.84 19.37 -10.81
N GLY A 109 14.17 19.19 -9.68
CA GLY A 109 12.90 18.50 -9.66
C GLY A 109 12.96 17.00 -9.41
N GLU A 110 14.14 16.41 -9.29
CA GLU A 110 14.26 14.97 -9.13
C GLU A 110 13.99 14.57 -7.68
N ILE A 111 13.24 13.48 -7.50
CA ILE A 111 13.06 12.87 -6.18
C ILE A 111 14.23 11.93 -5.97
N ARG A 112 15.08 12.22 -4.98
CA ARG A 112 16.26 11.40 -4.78
C ARG A 112 16.25 10.63 -3.47
N GLY A 113 15.17 10.70 -2.71
CA GLY A 113 14.96 9.76 -1.62
C GLY A 113 13.56 9.88 -1.07
N ALA A 114 13.01 8.78 -0.56
CA ALA A 114 11.66 8.73 -0.04
C ALA A 114 11.62 7.74 1.13
N SER A 115 11.12 8.18 2.28
CA SER A 115 11.17 7.39 3.50
C SER A 115 10.06 6.36 3.56
N THR A 116 10.15 5.49 4.56
CA THR A 116 9.00 4.68 4.95
C THR A 116 7.86 5.60 5.41
N PRO A 117 6.61 5.15 5.37
CA PRO A 117 5.47 6.02 5.66
C PRO A 117 5.14 6.08 7.14
N PHE A 118 4.44 7.14 7.51
CA PHE A 118 4.07 7.34 8.90
C PHE A 118 2.73 8.03 8.94
N GLN A 119 2.05 7.84 10.06
CA GLN A 119 0.75 8.43 10.34
C GLN A 119 0.91 9.39 11.50
N PHE A 120 0.12 10.45 11.51
CA PHE A 120 0.11 11.38 12.65
C PHE A 120 -1.06 11.03 13.54
N ARG A 121 -0.78 10.37 14.66
CA ARG A 121 -1.80 9.97 15.61
C ARG A 121 -1.20 9.78 17.00
N ASN B 13 -12.67 4.46 -16.24
CA ASN B 13 -11.90 3.73 -17.25
C ASN B 13 -11.43 2.37 -16.75
N PHE B 14 -11.46 2.17 -15.43
CA PHE B 14 -10.84 0.99 -14.83
C PHE B 14 -11.76 0.24 -13.87
N ALA B 15 -13.07 0.44 -13.95
CA ALA B 15 -13.95 -0.22 -12.98
C ALA B 15 -15.12 -0.91 -13.66
N HIS B 16 -14.92 -1.36 -14.91
CA HIS B 16 -16.04 -1.83 -15.72
C HIS B 16 -16.38 -3.29 -15.48
N VAL B 17 -15.45 -4.06 -14.92
CA VAL B 17 -15.75 -5.36 -14.33
C VAL B 17 -15.56 -5.21 -12.83
N ILE B 18 -16.44 -5.83 -12.05
CA ILE B 18 -16.32 -5.80 -10.60
C ILE B 18 -16.22 -7.24 -10.12
N PHE B 19 -15.24 -7.49 -9.26
CA PHE B 19 -15.07 -8.82 -8.69
C PHE B 19 -15.86 -8.88 -7.39
N GLN B 20 -16.80 -9.82 -7.30
CA GLN B 20 -17.73 -9.88 -6.18
C GLN B 20 -17.21 -10.80 -5.10
N ASN B 21 -17.50 -10.43 -3.84
CA ASN B 21 -17.17 -11.25 -2.69
C ASN B 21 -15.71 -11.67 -2.72
N VAL B 22 -14.83 -10.81 -3.22
CA VAL B 22 -13.42 -11.17 -3.25
C VAL B 22 -12.87 -11.01 -1.85
N ALA B 23 -12.26 -12.07 -1.33
CA ALA B 23 -11.91 -12.14 0.07
C ALA B 23 -10.52 -11.57 0.33
N LYS B 24 -10.08 -11.68 1.58
CA LYS B 24 -8.75 -11.27 1.98
C LYS B 24 -7.74 -12.39 1.83
N SER B 25 -8.19 -13.63 1.85
CA SER B 25 -7.27 -14.75 1.89
C SER B 25 -7.93 -15.96 1.26
N TYR B 26 -7.20 -16.64 0.37
CA TYR B 26 -7.60 -17.91 -0.20
C TYR B 26 -6.51 -18.95 0.09
N LEU B 27 -6.93 -20.20 0.21
CA LEU B 27 -6.01 -21.26 0.59
C LEU B 27 -4.94 -21.46 -0.48
N PRO B 28 -3.69 -21.69 -0.08
CA PRO B 28 -2.61 -21.81 -1.07
C PRO B 28 -2.68 -23.12 -1.82
N ASN B 29 -2.29 -23.07 -3.09
CA ASN B 29 -2.28 -24.24 -3.97
C ASN B 29 -3.62 -25.00 -3.90
N ALA B 30 -4.71 -24.25 -3.84
CA ALA B 30 -6.03 -24.82 -3.64
C ALA B 30 -7.02 -24.29 -4.68
N HIS B 31 -7.93 -25.16 -5.07
CA HIS B 31 -9.12 -24.80 -5.84
C HIS B 31 -9.66 -23.43 -5.42
N LEU B 32 -9.77 -22.53 -6.39
CA LEU B 32 -10.30 -21.19 -6.12
C LEU B 32 -11.39 -20.87 -7.13
N GLU B 33 -12.48 -20.30 -6.62
CA GLU B 33 -13.58 -19.79 -7.44
C GLU B 33 -13.48 -18.27 -7.45
N CYS B 34 -13.61 -17.68 -8.64
CA CYS B 34 -13.45 -16.23 -8.82
C CYS B 34 -14.73 -15.68 -9.40
N HIS B 35 -15.49 -14.94 -8.59
CA HIS B 35 -16.76 -14.34 -9.01
C HIS B 35 -16.54 -12.90 -9.44
N TYR B 36 -17.06 -12.55 -10.61
CA TYR B 36 -16.97 -11.19 -11.12
C TYR B 36 -18.18 -10.91 -12.00
N THR B 37 -18.42 -9.64 -12.24
CA THR B 37 -19.64 -9.19 -12.91
C THR B 37 -19.27 -8.29 -14.08
N LEU B 38 -19.81 -8.61 -15.25
CA LEU B 38 -19.73 -7.76 -16.43
C LEU B 38 -20.88 -6.74 -16.39
N THR B 39 -20.51 -5.41 -16.29
CA THR B 39 -21.36 -4.23 -16.30
C THR B 39 -21.56 -3.73 -17.73
N PRO B 40 -22.71 -3.09 -18.04
CA PRO B 40 -23.00 -2.73 -19.44
C PRO B 40 -22.08 -1.66 -20.01
N TYR B 41 -20.97 -1.39 -19.35
CA TYR B 41 -20.08 -0.32 -19.74
C TYR B 41 -18.95 -0.78 -20.65
N ILE B 42 -18.71 -2.08 -20.74
CA ILE B 42 -17.69 -2.63 -21.62
C ILE B 42 -18.17 -4.01 -22.06
N HIS B 43 -17.66 -4.48 -23.19
CA HIS B 43 -18.22 -5.56 -24.00
C HIS B 43 -17.35 -6.81 -23.95
N PRO B 44 -17.93 -7.98 -23.64
CA PRO B 44 -17.10 -9.18 -23.43
C PRO B 44 -16.48 -9.70 -24.71
N HIS B 45 -15.49 -10.58 -24.54
CA HIS B 45 -14.84 -11.20 -25.68
C HIS B 45 -14.33 -12.58 -25.28
N PRO B 46 -14.37 -13.54 -26.21
CA PRO B 46 -13.90 -14.90 -25.88
C PRO B 46 -12.44 -14.97 -25.44
N LYS B 47 -11.57 -14.13 -26.00
CA LYS B 47 -10.16 -14.13 -25.63
C LYS B 47 -9.82 -13.01 -24.64
N ASP B 48 -10.82 -12.45 -23.96
CA ASP B 48 -10.59 -11.64 -22.78
C ASP B 48 -10.21 -12.54 -21.62
N TRP B 49 -9.31 -12.08 -20.76
CA TRP B 49 -8.80 -12.93 -19.70
C TRP B 49 -8.81 -12.23 -18.34
N VAL B 50 -9.05 -13.03 -17.31
CA VAL B 50 -8.90 -12.64 -15.92
C VAL B 50 -7.51 -13.10 -15.47
N GLY B 51 -6.63 -12.15 -15.20
CA GLY B 51 -5.31 -12.47 -14.70
C GLY B 51 -5.23 -12.26 -13.19
N ILE B 52 -4.38 -13.06 -12.54
CA ILE B 52 -4.04 -12.85 -11.15
C ILE B 52 -2.66 -12.21 -11.10
N PHE B 53 -2.58 -11.03 -10.49
CA PHE B 53 -1.40 -10.18 -10.54
C PHE B 53 -0.91 -9.87 -9.14
N LYS B 54 0.39 -9.98 -8.94
CA LYS B 54 1.03 -9.41 -7.76
C LYS B 54 0.79 -7.91 -7.71
N VAL B 55 0.38 -7.40 -6.55
CA VAL B 55 0.24 -5.96 -6.40
C VAL B 55 1.55 -5.26 -6.78
N GLY B 56 1.44 -4.11 -7.46
CA GLY B 56 2.61 -3.39 -7.91
C GLY B 56 3.01 -3.67 -9.34
N TRP B 57 2.27 -4.55 -10.04
CA TRP B 57 2.54 -4.85 -11.44
C TRP B 57 2.59 -3.57 -12.27
N SER B 58 3.42 -3.57 -13.31
CA SER B 58 3.62 -2.44 -14.21
C SER B 58 2.90 -2.58 -15.54
N THR B 59 2.97 -3.74 -16.18
CA THR B 59 2.25 -4.00 -17.42
C THR B 59 1.47 -5.31 -17.32
N ALA B 60 0.70 -5.59 -18.37
CA ALA B 60 -0.11 -6.80 -18.38
C ALA B 60 0.73 -8.07 -18.44
N ARG B 61 1.99 -7.99 -18.88
CA ARG B 61 2.85 -9.15 -18.91
C ARG B 61 3.29 -9.61 -17.51
N ASP B 62 2.99 -8.85 -16.46
CA ASP B 62 3.36 -9.25 -15.10
C ASP B 62 2.36 -10.21 -14.47
N TYR B 63 1.41 -10.75 -15.24
CA TYR B 63 0.44 -11.69 -14.67
C TYR B 63 1.15 -12.89 -14.05
N TYR B 64 0.55 -13.43 -12.99
CA TYR B 64 1.00 -14.71 -12.44
C TYR B 64 0.45 -15.91 -13.22
N THR B 65 -0.87 -16.02 -13.37
CA THR B 65 -1.49 -16.88 -14.36
C THR B 65 -2.75 -16.16 -14.80
N PHE B 66 -3.47 -16.78 -15.73
CA PHE B 66 -4.79 -16.28 -16.08
C PHE B 66 -5.62 -17.45 -16.60
N LEU B 67 -6.87 -17.15 -16.92
CA LEU B 67 -7.74 -18.00 -17.71
C LEU B 67 -8.53 -17.11 -18.65
N TRP B 68 -8.87 -17.65 -19.82
CA TRP B 68 -9.77 -16.95 -20.72
C TRP B 68 -11.09 -16.68 -20.02
N SER B 69 -11.56 -15.43 -20.10
CA SER B 69 -12.91 -15.12 -19.63
C SER B 69 -13.95 -15.61 -20.64
N PRO B 70 -14.63 -16.72 -20.35
CA PRO B 70 -15.56 -17.28 -21.34
C PRO B 70 -16.62 -16.28 -21.75
N MET B 71 -17.05 -16.39 -22.99
CA MET B 71 -18.14 -15.56 -23.46
C MET B 71 -19.46 -16.13 -22.95
N PRO B 72 -20.33 -15.30 -22.37
CA PRO B 72 -21.66 -15.79 -22.02
C PRO B 72 -22.49 -16.07 -23.26
N GLU B 73 -23.39 -17.03 -23.15
CA GLU B 73 -24.25 -17.40 -24.26
C GLU B 73 -25.30 -16.33 -24.51
N HIS B 74 -25.68 -16.17 -25.78
CA HIS B 74 -26.71 -15.21 -26.20
C HIS B 74 -26.46 -13.82 -25.61
N TYR B 75 -25.21 -13.37 -25.72
CA TYR B 75 -24.81 -12.14 -25.07
C TYR B 75 -25.54 -10.94 -25.67
N VAL B 76 -26.32 -10.26 -24.83
CA VAL B 76 -27.05 -9.07 -25.22
C VAL B 76 -26.19 -7.84 -24.89
N GLU B 77 -25.99 -6.98 -25.89
CA GLU B 77 -25.21 -5.77 -25.69
CA GLU B 77 -25.23 -5.76 -25.69
C GLU B 77 -25.84 -4.91 -24.60
N GLY B 78 -25.00 -4.44 -23.67
CA GLY B 78 -25.46 -3.57 -22.61
C GLY B 78 -26.22 -4.26 -21.49
N SER B 79 -25.83 -5.49 -21.14
CA SER B 79 -26.46 -6.23 -20.05
C SER B 79 -25.55 -6.21 -18.82
N THR B 80 -26.00 -6.90 -17.77
CA THR B 80 -25.21 -7.17 -16.57
C THR B 80 -25.21 -8.67 -16.36
N VAL B 81 -24.07 -9.32 -16.56
CA VAL B 81 -23.95 -10.77 -16.43
C VAL B 81 -22.83 -11.06 -15.45
N ASN B 82 -23.11 -11.92 -14.48
CA ASN B 82 -22.12 -12.38 -13.52
C ASN B 82 -21.45 -13.65 -14.05
N CYS B 83 -20.16 -13.80 -13.73
CA CYS B 83 -19.36 -14.91 -14.22
C CYS B 83 -18.64 -15.57 -13.06
N VAL B 84 -18.30 -16.84 -13.23
CA VAL B 84 -17.49 -17.56 -12.26
C VAL B 84 -16.39 -18.31 -13.01
N LEU B 85 -15.17 -18.21 -12.48
CA LEU B 85 -14.03 -18.93 -13.03
C LEU B 85 -13.37 -19.74 -11.93
N ALA B 86 -12.87 -20.92 -12.29
CA ALA B 86 -12.28 -21.86 -11.34
C ALA B 86 -10.81 -22.06 -11.67
N PHE B 87 -9.95 -21.22 -11.10
CA PHE B 87 -8.52 -21.49 -11.12
C PHE B 87 -8.24 -22.66 -10.18
N GLN B 88 -7.24 -23.47 -10.52
CA GLN B 88 -6.92 -24.61 -9.69
C GLN B 88 -5.53 -24.45 -9.09
N GLY B 89 -5.37 -24.96 -7.87
CA GLY B 89 -4.21 -24.69 -7.05
C GLY B 89 -2.85 -24.93 -7.66
N TYR B 90 -2.79 -25.73 -8.73
CA TYR B 90 -1.53 -25.95 -9.42
C TYR B 90 -1.02 -24.64 -10.06
N TYR B 91 -1.94 -23.81 -10.55
CA TYR B 91 -1.62 -22.54 -11.20
C TYR B 91 -1.54 -21.34 -10.26
N LEU B 92 -1.90 -21.52 -8.98
CA LEU B 92 -2.07 -20.44 -8.02
C LEU B 92 -0.81 -20.27 -7.17
N PRO B 93 -0.60 -19.10 -6.56
CA PRO B 93 0.61 -18.90 -5.76
C PRO B 93 0.57 -19.67 -4.45
N ASN B 94 1.75 -19.82 -3.85
CA ASN B 94 1.88 -20.49 -2.57
C ASN B 94 1.65 -19.50 -1.43
N ASP B 95 1.90 -19.94 -0.19
CA ASP B 95 1.83 -19.05 0.97
C ASP B 95 3.12 -18.24 0.99
N ASP B 96 3.13 -17.17 0.19
CA ASP B 96 4.36 -16.45 -0.08
C ASP B 96 4.41 -15.07 0.54
N GLY B 97 3.38 -14.67 1.29
CA GLY B 97 3.35 -13.37 1.91
C GLY B 97 3.01 -12.21 1.00
N GLU B 98 2.88 -12.45 -0.30
CA GLU B 98 2.60 -11.39 -1.25
C GLU B 98 1.11 -11.16 -1.39
N PHE B 99 0.74 -9.94 -1.81
CA PHE B 99 -0.65 -9.61 -2.08
C PHE B 99 -0.85 -9.67 -3.59
N TYR B 100 -1.94 -10.29 -4.01
CA TYR B 100 -2.31 -10.38 -5.40
C TYR B 100 -3.67 -9.74 -5.59
N GLN B 101 -4.02 -9.52 -6.85
CA GLN B 101 -5.34 -9.00 -7.17
C GLN B 101 -5.82 -9.60 -8.48
N PHE B 102 -7.14 -9.60 -8.66
CA PHE B 102 -7.75 -9.97 -9.93
C PHE B 102 -7.73 -8.79 -10.88
N CYS B 103 -7.37 -9.06 -12.12
CA CYS B 103 -7.45 -8.07 -13.18
C CYS B 103 -8.13 -8.67 -14.40
N TYR B 104 -9.22 -8.05 -14.82
CA TYR B 104 -9.86 -8.39 -16.09
C TYR B 104 -9.11 -7.65 -17.19
N VAL B 105 -8.51 -8.42 -18.10
CA VAL B 105 -7.82 -7.85 -19.25
C VAL B 105 -8.51 -8.35 -20.51
N THR B 106 -8.85 -7.42 -21.40
CA THR B 106 -9.64 -7.75 -22.58
C THR B 106 -8.77 -8.38 -23.65
N HIS B 107 -9.34 -8.60 -24.83
CA HIS B 107 -8.58 -9.16 -25.94
C HIS B 107 -7.61 -8.15 -26.55
N LYS B 108 -7.94 -6.85 -26.51
CA LYS B 108 -7.04 -5.83 -27.03
C LYS B 108 -6.20 -5.18 -25.95
N GLY B 109 -6.10 -5.81 -24.78
CA GLY B 109 -5.02 -5.53 -23.85
C GLY B 109 -5.34 -4.56 -22.74
N GLU B 110 -6.49 -3.89 -22.79
CA GLU B 110 -6.83 -2.97 -21.72
C GLU B 110 -7.33 -3.74 -20.50
N ILE B 111 -7.06 -3.20 -19.33
CA ILE B 111 -7.52 -3.78 -18.07
C ILE B 111 -8.67 -2.94 -17.57
N ARG B 112 -9.81 -3.59 -17.32
CA ARG B 112 -11.06 -2.92 -17.04
C ARG B 112 -11.67 -3.47 -15.76
N GLY B 113 -10.79 -3.81 -14.81
CA GLY B 113 -11.16 -4.38 -13.52
C GLY B 113 -9.94 -4.76 -12.72
N ALA B 114 -9.85 -4.26 -11.48
CA ALA B 114 -8.74 -4.59 -10.59
C ALA B 114 -9.32 -4.78 -9.20
N SER B 115 -9.26 -6.01 -8.69
CA SER B 115 -9.92 -6.32 -7.43
C SER B 115 -9.13 -5.81 -6.23
N THR B 116 -9.74 -5.95 -5.06
CA THR B 116 -9.03 -5.70 -3.82
C THR B 116 -8.02 -6.80 -3.59
N PRO B 117 -6.94 -6.49 -2.88
CA PRO B 117 -5.84 -7.45 -2.76
C PRO B 117 -6.18 -8.58 -1.81
N PHE B 118 -5.58 -9.74 -2.09
CA PHE B 118 -5.73 -10.90 -1.24
C PHE B 118 -4.40 -11.63 -1.15
N GLN B 119 -4.26 -12.43 -0.09
CA GLN B 119 -3.11 -13.30 0.09
C GLN B 119 -3.52 -14.75 -0.17
N PHE B 120 -2.51 -15.60 -0.30
CA PHE B 120 -2.70 -17.04 -0.38
C PHE B 120 -2.06 -17.66 0.85
N ARG B 121 -2.89 -17.96 1.85
CA ARG B 121 -2.40 -18.48 3.13
C ARG B 121 -3.48 -19.25 3.89
N GLU C 1 0.42 0.99 -20.18
CA GLU C 1 -0.61 1.67 -19.38
C GLU C 1 -0.07 2.02 -17.99
N SER C 2 0.85 2.99 -17.95
CA SER C 2 1.51 3.33 -16.70
C SER C 2 0.54 3.93 -15.68
N VAL C 3 -0.49 4.63 -16.14
CA VAL C 3 -1.42 5.24 -15.21
C VAL C 3 -2.41 4.20 -14.68
N ALA C 4 -2.77 3.20 -15.50
CA ALA C 4 -3.55 2.08 -14.98
C ALA C 4 -2.80 1.34 -13.89
N SER C 5 -1.51 1.09 -14.11
CA SER C 5 -0.69 0.43 -13.09
C SER C 5 -0.64 1.25 -11.82
N HIS C 6 -0.49 2.57 -11.95
CA HIS C 6 -0.50 3.44 -10.77
C HIS C 6 -1.86 3.41 -10.09
N PHE C 7 -2.93 3.52 -10.87
CA PHE C 7 -4.27 3.46 -10.29
C PHE C 7 -4.46 2.17 -9.51
N ALA C 8 -4.19 1.02 -10.15
CA ALA C 8 -4.41 -0.25 -9.49
C ALA C 8 -3.61 -0.35 -8.20
N LEU C 9 -2.40 0.21 -8.19
CA LEU C 9 -1.58 0.18 -6.98
C LEU C 9 -2.13 1.11 -5.91
N VAL C 10 -2.62 2.29 -6.31
CA VAL C 10 -3.23 3.19 -5.33
C VAL C 10 -4.38 2.50 -4.63
N THR C 11 -5.29 1.89 -5.39
CA THR C 11 -6.47 1.28 -4.77
C THR C 11 -6.07 0.07 -3.93
N ALA C 12 -5.08 -0.70 -4.37
CA ALA C 12 -4.59 -1.80 -3.54
C ALA C 12 -3.96 -1.27 -2.25
N TYR C 13 -3.17 -0.20 -2.36
CA TYR C 13 -2.57 0.38 -1.16
C TYR C 13 -3.65 0.92 -0.22
N GLU C 14 -4.68 1.58 -0.76
CA GLU C 14 -5.72 2.14 0.11
C GLU C 14 -6.45 1.05 0.87
N ASP C 15 -6.68 -0.11 0.25
CA ASP C 15 -7.32 -1.22 0.95
C ASP C 15 -6.44 -1.72 2.09
N ILE C 16 -5.15 -1.90 1.83
CA ILE C 16 -4.26 -2.38 2.88
C ILE C 16 -4.07 -1.30 3.95
N LYS C 17 -4.12 -0.04 3.55
CA LYS C 17 -4.06 1.02 4.55
C LYS C 17 -5.24 0.91 5.52
N LYS C 18 -6.45 0.76 4.98
CA LYS C 18 -7.63 0.66 5.84
C LYS C 18 -7.56 -0.57 6.72
N ARG C 19 -7.10 -1.70 6.16
CA ARG C 19 -7.00 -2.90 6.97
C ARG C 19 -6.01 -2.71 8.12
N LEU C 20 -4.89 -2.03 7.86
CA LEU C 20 -3.93 -1.80 8.94
C LEU C 20 -4.53 -0.89 10.01
N LYS C 21 -5.22 0.18 9.60
CA LYS C 21 -5.78 1.11 10.58
C LYS C 21 -6.81 0.42 11.46
N ASP C 22 -7.66 -0.42 10.86
CA ASP C 22 -8.67 -1.13 11.63
C ASP C 22 -8.05 -2.15 12.56
N SER C 23 -7.00 -2.83 12.10
CA SER C 23 -6.41 -3.87 12.93
C SER C 23 -5.72 -3.26 14.14
N GLU C 24 -4.97 -2.17 13.94
CA GLU C 24 -4.35 -1.46 15.06
C GLU C 24 -5.40 -0.84 15.98
N LYS C 25 -6.49 -0.34 15.41
CA LYS C 25 -7.56 0.19 16.26
C LYS C 25 -8.08 -0.91 17.17
N GLU C 26 -8.51 -2.02 16.59
CA GLU C 26 -8.97 -3.14 17.40
C GLU C 26 -7.91 -3.57 18.41
N ASN C 27 -6.64 -3.63 18.00
CA ASN C 27 -5.60 -4.07 18.93
C ASN C 27 -5.56 -3.19 20.19
N SER C 28 -5.67 -1.87 20.04
CA SER C 28 -5.64 -1.00 21.21
C SER C 28 -6.85 -1.25 22.11
N LEU C 29 -8.00 -1.54 21.51
CA LEU C 29 -9.16 -1.86 22.33
C LEU C 29 -9.02 -3.22 23.00
N LEU C 30 -8.42 -4.18 22.30
CA LEU C 30 -8.18 -5.48 22.91
C LEU C 30 -7.29 -5.35 24.14
N LYS C 31 -6.29 -4.45 24.08
CA LYS C 31 -5.43 -4.21 25.23
C LYS C 31 -6.20 -3.60 26.39
N LYS C 32 -7.14 -2.69 26.10
CA LYS C 32 -7.92 -2.15 27.20
C LYS C 32 -8.71 -3.24 27.88
N ARG C 33 -9.19 -4.23 27.11
CA ARG C 33 -9.96 -5.31 27.74
C ARG C 33 -9.06 -6.17 28.60
N ILE C 34 -7.86 -6.49 28.11
CA ILE C 34 -6.94 -7.33 28.86
C ILE C 34 -6.63 -6.72 30.22
N ARG C 35 -6.41 -5.40 30.25
CA ARG C 35 -6.17 -4.75 31.53
C ARG C 35 -7.41 -4.84 32.41
N PHE C 36 -8.57 -4.53 31.83
CA PHE C 36 -9.83 -4.60 32.56
C PHE C 36 -10.06 -5.99 33.14
N LEU C 37 -9.77 -7.04 32.37
CA LEU C 37 -9.96 -8.39 32.87
C LEU C 37 -8.91 -8.73 33.93
N GLU C 38 -7.66 -8.37 33.67
CA GLU C 38 -6.61 -8.69 34.62
C GLU C 38 -6.86 -8.01 35.95
N GLU C 39 -7.41 -6.78 35.91
CA GLU C 39 -7.73 -6.07 37.15
C GLU C 39 -8.64 -6.89 38.06
N LYS C 40 -9.48 -7.75 37.49
CA LYS C 40 -10.29 -8.64 38.30
C LYS C 40 -9.52 -9.83 38.83
N LEU C 41 -8.30 -10.06 38.35
CA LEU C 41 -7.70 -11.37 38.55
C LEU C 41 -6.40 -11.36 39.34
N ILE C 42 -5.48 -10.43 39.10
CA ILE C 42 -4.15 -10.66 39.66
C ILE C 42 -3.65 -9.55 40.58
N ALA C 43 -3.58 -8.32 40.08
CA ALA C 43 -2.99 -7.26 40.90
C ALA C 43 -3.29 -5.90 40.35
N GLU D 1 9.93 11.54 -13.28
CA GLU D 1 9.19 11.83 -12.06
C GLU D 1 8.00 10.90 -11.88
N SER D 2 7.35 10.56 -13.00
CA SER D 2 6.28 9.57 -12.96
C SER D 2 6.81 8.24 -12.43
N VAL D 3 8.05 7.88 -12.77
CA VAL D 3 8.66 6.65 -12.24
C VAL D 3 8.94 6.79 -10.75
N ALA D 4 9.50 7.93 -10.34
CA ALA D 4 9.76 8.13 -8.92
C ALA D 4 8.47 8.03 -8.10
N SER D 5 7.37 8.52 -8.64
CA SER D 5 6.11 8.47 -7.91
C SER D 5 5.67 7.02 -7.71
N HIS D 6 5.86 6.19 -8.74
CA HIS D 6 5.48 4.78 -8.62
C HIS D 6 6.40 4.03 -7.67
N PHE D 7 7.70 4.32 -7.73
CA PHE D 7 8.64 3.70 -6.79
C PHE D 7 8.32 4.07 -5.35
N ALA D 8 8.07 5.37 -5.08
CA ALA D 8 7.81 5.77 -3.70
C ALA D 8 6.56 5.11 -3.17
N LEU D 9 5.58 4.85 -4.04
CA LEU D 9 4.34 4.23 -3.60
C LEU D 9 4.54 2.74 -3.33
N VAL D 10 5.32 2.05 -4.18
CA VAL D 10 5.66 0.65 -3.89
C VAL D 10 6.39 0.54 -2.54
N THR D 11 7.36 1.42 -2.30
CA THR D 11 8.07 1.42 -1.03
C THR D 11 7.14 1.64 0.15
N ALA D 12 6.18 2.56 0.03
CA ALA D 12 5.25 2.73 1.14
C ALA D 12 4.35 1.51 1.27
N TYR D 13 3.87 0.97 0.16
CA TYR D 13 3.01 -0.21 0.22
C TYR D 13 3.72 -1.38 0.90
N GLU D 14 4.98 -1.64 0.55
CA GLU D 14 5.71 -2.76 1.14
C GLU D 14 5.85 -2.61 2.65
N ASP D 15 6.07 -1.38 3.14
CA ASP D 15 6.16 -1.17 4.58
C ASP D 15 4.82 -1.38 5.27
N ILE D 16 3.74 -0.96 4.61
CA ILE D 16 2.42 -1.10 5.24
C ILE D 16 1.96 -2.55 5.16
N LYS D 17 2.41 -3.28 4.15
CA LYS D 17 2.12 -4.70 4.11
C LYS D 17 2.79 -5.43 5.25
N LYS D 18 4.07 -5.14 5.51
CA LYS D 18 4.73 -5.74 6.67
C LYS D 18 4.04 -5.36 7.97
N ARG D 19 3.64 -4.09 8.11
CA ARG D 19 3.04 -3.67 9.36
C ARG D 19 1.67 -4.31 9.55
N LEU D 20 0.93 -4.54 8.46
CA LEU D 20 -0.32 -5.28 8.59
C LEU D 20 -0.07 -6.68 9.14
N LYS D 21 0.93 -7.38 8.59
CA LYS D 21 1.20 -8.74 9.08
C LYS D 21 1.59 -8.72 10.56
N ASP D 22 2.45 -7.80 10.98
CA ASP D 22 2.72 -7.65 12.41
C ASP D 22 1.44 -7.39 13.21
N SER D 23 0.58 -6.50 12.72
CA SER D 23 -0.66 -6.18 13.42
C SER D 23 -1.59 -7.39 13.54
N GLU D 24 -1.69 -8.17 12.47
CA GLU D 24 -2.58 -9.33 12.52
C GLU D 24 -2.05 -10.38 13.48
N LYS D 25 -0.73 -10.55 13.54
CA LYS D 25 -0.18 -11.49 14.50
C LYS D 25 -0.45 -11.04 15.93
N GLU D 26 -0.28 -9.75 16.24
CA GLU D 26 -0.60 -9.25 17.57
C GLU D 26 -2.09 -9.46 17.87
N ASN D 27 -2.94 -9.15 16.89
CA ASN D 27 -4.37 -9.36 17.02
C ASN D 27 -4.67 -10.79 17.48
N SER D 28 -4.03 -11.78 16.85
CA SER D 28 -4.24 -13.18 17.24
C SER D 28 -3.78 -13.43 18.68
N LEU D 29 -2.63 -12.88 19.07
CA LEU D 29 -2.16 -13.10 20.43
C LEU D 29 -3.07 -12.43 21.46
N LEU D 30 -3.45 -11.17 21.22
CA LEU D 30 -4.31 -10.48 22.19
C LEU D 30 -5.64 -11.19 22.33
N LYS D 31 -6.16 -11.73 21.23
CA LYS D 31 -7.43 -12.46 21.33
C LYS D 31 -7.27 -13.74 22.14
N LYS D 32 -6.12 -14.42 22.04
CA LYS D 32 -5.93 -15.63 22.84
C LYS D 32 -5.79 -15.28 24.32
N ARG D 33 -5.06 -14.21 24.62
CA ARG D 33 -4.95 -13.76 26.01
C ARG D 33 -6.30 -13.41 26.61
N ILE D 34 -7.19 -12.78 25.83
CA ILE D 34 -8.53 -12.49 26.35
C ILE D 34 -9.31 -13.77 26.60
N ARG D 35 -9.25 -14.74 25.67
CA ARG D 35 -9.95 -16.01 25.87
C ARG D 35 -9.45 -16.71 27.12
N PHE D 36 -8.14 -16.64 27.37
CA PHE D 36 -7.57 -17.24 28.56
C PHE D 36 -8.05 -16.51 29.82
N LEU D 37 -8.09 -15.18 29.79
CA LEU D 37 -8.52 -14.41 30.95
C LEU D 37 -10.02 -14.57 31.21
N GLU D 38 -10.84 -14.61 30.17
CA GLU D 38 -12.26 -14.87 30.37
C GLU D 38 -12.46 -16.28 30.92
N GLU D 39 -11.69 -17.23 30.42
CA GLU D 39 -11.80 -18.61 30.90
C GLU D 39 -11.41 -18.72 32.36
N LYS D 40 -10.45 -17.91 32.80
CA LYS D 40 -10.07 -17.94 34.20
C LYS D 40 -11.20 -17.52 35.11
N LEU D 41 -12.02 -16.56 34.65
CA LEU D 41 -13.09 -16.04 35.50
C LEU D 41 -14.29 -16.97 35.65
N ILE D 42 -14.50 -17.89 34.72
CA ILE D 42 -15.70 -18.72 34.79
C ILE D 42 -15.53 -19.79 35.86
N ALA D 43 -14.31 -20.25 36.10
CA ALA D 43 -14.04 -21.29 37.09
C ALA D 43 -14.19 -20.74 38.50
#